data_6WFY
#
_entry.id   6WFY
#
_cell.length_a   42.921
_cell.length_b   67.335
_cell.length_c   84.768
_cell.angle_alpha   90.00
_cell.angle_beta   96.12
_cell.angle_gamma   90.00
#
_symmetry.space_group_name_H-M   'P 1 21 1'
#
loop_
_entity.id
_entity.type
_entity.pdbx_description
1 polymer 'Fab224 heavy chain'
2 polymer 'Fab224 light chain'
3 polymer 'NPNA4 peptide'
4 water water
#
loop_
_entity_poly.entity_id
_entity_poly.type
_entity_poly.pdbx_seq_one_letter_code
_entity_poly.pdbx_strand_id
1 'polypeptide(L)'
;EVQLVESGGGLVQPGRSLRLPCTASGFSFGDHAMSWVRQAPGKGLEWVGFIRKTTYGATTHYAAAVRGRFTISRDDSKSI
VYLQMNSLKTEDTAVYFCTRVQLDYGPGYQYYGMDVWGQGTTVTVSSASTKGPSVFPLAPSSKSTSGGTAALGCLVKDYF
PEPVTVSWNSGALTSGVHTFPAVLQSSGLYSLSSVVTVPSSSLGTQTYICNVNHKPSNTKVDKKVEPKSC
;
H
2 'polypeptide(L)'
;ESVLTQPPSVSGAPGQRVTISCTGMNSNIGAGYDVYWYQQLPGRAPKLLIYGNSNRPSGVPDRFSGSRSGTSASLAITGL
QAEDEADYYCQSYDTSLNGWAFGGGTKLTVLGQPKAAPSVTLFPPSSEELQANKATLVCLVSDFYPGAVTVAWKADGSPV
KVGVETTKPSKQSNNKYAASSYLSLTPEQWKSHRSYSCRVTHEGSTVEKTVAPAECS
;
L
3 'polypeptide(L)' (ACE)NPNANPNANPNANPNA(NH2) P
#
# COMPACT_ATOMS: atom_id res chain seq x y z
N GLU A 1 -21.96 -4.86 -19.60
CA GLU A 1 -20.93 -4.96 -18.58
C GLU A 1 -21.33 -4.17 -17.35
N VAL A 2 -21.13 -4.74 -16.17
CA VAL A 2 -21.41 -4.02 -14.93
C VAL A 2 -20.25 -3.08 -14.65
N GLN A 3 -20.55 -1.83 -14.32
CA GLN A 3 -19.49 -0.86 -14.06
C GLN A 3 -19.92 0.05 -12.91
N LEU A 4 -18.96 0.40 -12.06
CA LEU A 4 -19.11 1.40 -11.02
C LEU A 4 -17.95 2.35 -11.18
N VAL A 5 -18.25 3.65 -11.29
CA VAL A 5 -17.23 4.66 -11.53
C VAL A 5 -17.33 5.70 -10.43
N GLU A 6 -16.35 5.71 -9.52
CA GLU A 6 -16.26 6.76 -8.52
C GLU A 6 -15.61 8.00 -9.11
N SER A 7 -16.01 9.16 -8.61
CA SER A 7 -15.42 10.43 -9.00
C SER A 7 -15.38 11.35 -7.78
N GLY A 8 -14.78 12.53 -7.97
CA GLY A 8 -14.80 13.57 -6.95
C GLY A 8 -13.61 13.56 -6.01
N GLY A 9 -12.68 12.64 -6.14
CA GLY A 9 -11.56 12.61 -5.24
C GLY A 9 -10.52 13.68 -5.56
N GLY A 10 -9.64 13.89 -4.60
CA GLY A 10 -8.54 14.83 -4.78
C GLY A 10 -7.99 15.24 -3.41
N LEU A 11 -7.32 16.39 -3.42
CA LEU A 11 -6.72 16.97 -2.23
C LEU A 11 -7.76 17.81 -1.50
N VAL A 12 -7.77 17.75 -0.16
CA VAL A 12 -8.73 18.49 0.66
C VAL A 12 -8.04 18.80 1.97
N GLN A 13 -8.31 19.98 2.52
CA GLN A 13 -7.72 20.38 3.79
C GLN A 13 -8.49 19.73 4.94
N PRO A 14 -7.82 19.48 6.07
CA PRO A 14 -8.53 18.95 7.24
C PRO A 14 -9.66 19.88 7.66
N GLY A 15 -10.79 19.28 8.05
CA GLY A 15 -11.96 20.02 8.45
C GLY A 15 -12.93 20.31 7.32
N ARG A 16 -12.49 20.17 6.06
CA ARG A 16 -13.35 20.44 4.93
C ARG A 16 -14.17 19.21 4.54
N SER A 17 -15.01 19.37 3.51
CA SER A 17 -15.94 18.35 3.06
C SER A 17 -15.62 17.97 1.63
N LEU A 18 -16.01 16.75 1.25
CA LEU A 18 -15.94 16.25 -0.11
C LEU A 18 -17.09 15.28 -0.29
N ARG A 19 -17.74 15.33 -1.46
CA ARG A 19 -18.76 14.35 -1.83
C ARG A 19 -18.25 13.52 -3.00
N LEU A 20 -18.31 12.20 -2.85
CA LEU A 20 -17.88 11.30 -3.93
C LEU A 20 -19.09 10.66 -4.56
N PRO A 21 -19.41 10.98 -5.82
CA PRO A 21 -20.42 10.20 -6.55
C PRO A 21 -19.84 8.91 -7.08
N CYS A 22 -20.68 7.89 -7.13
CA CYS A 22 -20.38 6.64 -7.83
C CYS A 22 -21.51 6.38 -8.81
N THR A 23 -21.17 6.36 -10.08
CA THR A 23 -22.15 6.18 -11.14
C THR A 23 -22.16 4.71 -11.54
N ALA A 24 -23.32 4.08 -11.46
CA ALA A 24 -23.47 2.66 -11.75
C ALA A 24 -24.10 2.46 -13.11
N SER A 25 -23.67 1.42 -13.81
CA SER A 25 -24.27 1.07 -15.08
C SER A 25 -24.22 -0.44 -15.29
N GLY A 26 -25.15 -0.95 -16.07
CA GLY A 26 -25.09 -2.33 -16.52
C GLY A 26 -25.82 -3.31 -15.66
N PHE A 27 -26.57 -2.86 -14.65
CA PHE A 27 -27.34 -3.76 -13.81
C PHE A 27 -28.51 -2.98 -13.25
N SER A 28 -29.42 -3.71 -12.60
N SER A 28 -29.40 -3.68 -12.54
CA SER A 28 -30.57 -3.11 -11.93
CA SER A 28 -30.60 -3.08 -11.96
C SER A 28 -30.14 -2.42 -10.66
C SER A 28 -30.23 -2.39 -10.65
N PHE A 29 -29.75 -1.15 -10.77
CA PHE A 29 -29.19 -0.42 -9.62
C PHE A 29 -30.12 -0.41 -8.42
N GLY A 30 -31.40 -0.13 -8.65
CA GLY A 30 -32.31 0.02 -7.53
C GLY A 30 -32.56 -1.23 -6.72
N ASP A 31 -32.18 -2.41 -7.21
CA ASP A 31 -32.38 -3.63 -6.47
C ASP A 31 -31.29 -3.90 -5.45
N HIS A 32 -30.17 -3.20 -5.53
CA HIS A 32 -28.98 -3.56 -4.76
C HIS A 32 -28.73 -2.57 -3.64
N ALA A 33 -28.35 -3.10 -2.48
CA ALA A 33 -27.62 -2.29 -1.53
C ALA A 33 -26.25 -1.95 -2.12
N MET A 34 -25.71 -0.81 -1.71
CA MET A 34 -24.38 -0.37 -2.14
C MET A 34 -23.53 -0.09 -0.90
N SER A 35 -22.22 -0.23 -1.05
CA SER A 35 -21.33 -0.17 0.10
C SER A 35 -20.03 0.52 -0.28
N TRP A 36 -19.49 1.32 0.62
CA TRP A 36 -18.21 2.00 0.39
C TRP A 36 -17.15 1.35 1.29
N VAL A 37 -15.95 1.18 0.73
CA VAL A 37 -14.79 0.61 1.42
C VAL A 37 -13.63 1.53 1.10
N ARG A 38 -12.68 1.68 2.04
CA ARG A 38 -11.51 2.50 1.77
C ARG A 38 -10.23 1.75 2.10
N GLN A 39 -9.13 2.28 1.58
CA GLN A 39 -7.82 1.65 1.79
C GLN A 39 -6.77 2.74 1.86
N ALA A 40 -6.19 2.94 3.05
CA ALA A 40 -5.14 3.93 3.20
C ALA A 40 -3.88 3.42 2.50
N PRO A 41 -2.97 4.31 2.11
CA PRO A 41 -1.77 3.86 1.36
C PRO A 41 -0.99 2.80 2.10
N GLY A 42 -0.79 1.66 1.43
CA GLY A 42 -0.03 0.56 1.99
C GLY A 42 -0.75 -0.24 3.05
N LYS A 43 -2.03 0.01 3.29
CA LYS A 43 -2.76 -0.58 4.40
C LYS A 43 -3.89 -1.48 3.89
N GLY A 44 -4.66 -2.01 4.84
CA GLY A 44 -5.71 -2.95 4.52
C GLY A 44 -7.03 -2.28 4.18
N LEU A 45 -7.98 -3.11 3.74
CA LEU A 45 -9.33 -2.62 3.49
C LEU A 45 -10.04 -2.29 4.80
N GLU A 46 -10.84 -1.22 4.76
CA GLU A 46 -11.67 -0.84 5.90
C GLU A 46 -13.06 -0.48 5.41
N TRP A 47 -14.07 -1.14 5.93
CA TRP A 47 -15.43 -0.84 5.48
C TRP A 47 -15.88 0.52 6.00
N VAL A 48 -16.58 1.27 5.16
CA VAL A 48 -17.06 2.61 5.51
C VAL A 48 -18.55 2.60 5.85
N GLY A 49 -19.40 2.07 4.97
CA GLY A 49 -20.83 2.10 5.23
C GLY A 49 -21.60 1.46 4.10
N PHE A 50 -22.87 1.21 4.37
CA PHE A 50 -23.79 0.73 3.32
C PHE A 50 -25.09 1.52 3.32
N ILE A 51 -25.79 1.41 2.20
CA ILE A 51 -27.15 1.95 2.04
C ILE A 51 -28.02 0.86 1.42
N ARG A 52 -29.21 0.67 1.98
CA ARG A 52 -30.14 -0.34 1.50
C ARG A 52 -30.88 0.16 0.25
N LYS A 53 -31.56 -0.76 -0.40
CA LYS A 53 -32.39 -0.38 -1.54
C LYS A 53 -33.57 0.47 -1.08
N THR A 54 -34.15 1.21 -2.04
CA THR A 54 -35.22 2.16 -1.72
C THR A 54 -36.49 1.45 -1.25
N THR A 55 -36.77 0.24 -1.72
CA THR A 55 -37.95 -0.43 -1.17
C THR A 55 -37.77 -0.83 0.29
N TYR A 56 -36.56 -0.75 0.83
CA TYR A 56 -36.32 -0.91 2.26
C TYR A 56 -36.09 0.44 2.92
N GLY A 57 -36.39 1.53 2.22
CA GLY A 57 -36.26 2.85 2.78
C GLY A 57 -34.93 3.53 2.53
N ALA A 58 -33.98 2.86 1.88
CA ALA A 58 -32.64 3.44 1.67
C ALA A 58 -32.04 3.91 2.99
N THR A 59 -32.25 3.11 4.04
CA THR A 59 -31.62 3.36 5.32
C THR A 59 -30.14 2.94 5.26
N THR A 60 -29.38 3.40 6.23
CA THR A 60 -27.92 3.36 6.16
C THR A 60 -27.31 2.79 7.43
N HIS A 61 -26.05 2.36 7.29
CA HIS A 61 -25.30 1.82 8.42
C HIS A 61 -23.83 2.11 8.18
N TYR A 62 -23.13 2.61 9.22
CA TYR A 62 -21.77 3.11 9.06
C TYR A 62 -20.82 2.43 10.04
N ALA A 63 -19.54 2.42 9.67
CA ALA A 63 -18.50 2.03 10.61
C ALA A 63 -18.35 3.10 11.70
N ALA A 64 -18.00 2.66 12.90
CA ALA A 64 -17.83 3.60 14.02
C ALA A 64 -16.80 4.67 13.70
N ALA A 65 -15.78 4.37 12.91
CA ALA A 65 -14.71 5.33 12.63
C ALA A 65 -15.18 6.55 11.85
N VAL A 66 -16.32 6.45 11.17
CA VAL A 66 -16.81 7.56 10.37
C VAL A 66 -18.18 8.04 10.80
N ARG A 67 -18.83 7.34 11.73
CA ARG A 67 -20.17 7.73 12.13
C ARG A 67 -20.15 9.14 12.69
N GLY A 68 -21.09 9.95 12.22
CA GLY A 68 -21.18 11.34 12.60
C GLY A 68 -20.48 12.28 11.65
N ARG A 69 -19.68 11.77 10.73
CA ARG A 69 -18.95 12.60 9.79
C ARG A 69 -19.23 12.24 8.34
N PHE A 70 -19.44 10.97 8.06
CA PHE A 70 -19.72 10.51 6.71
C PHE A 70 -21.15 9.98 6.64
N THR A 71 -21.81 10.24 5.51
CA THR A 71 -23.14 9.72 5.28
C THR A 71 -23.22 9.27 3.83
N ILE A 72 -24.19 8.41 3.56
CA ILE A 72 -24.41 7.88 2.21
C ILE A 72 -25.85 8.19 1.80
N SER A 73 -26.04 8.54 0.53
CA SER A 73 -27.38 8.68 -0.06
C SER A 73 -27.33 8.12 -1.47
N ARG A 74 -28.50 7.91 -2.06
CA ARG A 74 -28.56 7.37 -3.42
C ARG A 74 -29.63 8.11 -4.20
N ASP A 75 -29.40 8.20 -5.51
CA ASP A 75 -30.36 8.79 -6.44
C ASP A 75 -30.66 7.75 -7.53
N ASP A 76 -31.71 6.97 -7.31
CA ASP A 76 -32.00 5.90 -8.26
C ASP A 76 -32.39 6.45 -9.63
N SER A 77 -32.88 7.69 -9.72
CA SER A 77 -33.24 8.23 -11.02
C SER A 77 -32.01 8.48 -11.90
N LYS A 78 -30.83 8.57 -11.28
CA LYS A 78 -29.59 8.79 -12.01
C LYS A 78 -28.62 7.62 -11.91
N SER A 79 -28.94 6.61 -11.10
CA SER A 79 -28.07 5.46 -10.86
C SER A 79 -26.74 5.89 -10.22
N ILE A 80 -26.85 6.76 -9.19
CA ILE A 80 -25.68 7.27 -8.48
C ILE A 80 -25.86 6.99 -7.00
N VAL A 81 -24.79 6.55 -6.34
CA VAL A 81 -24.71 6.55 -4.89
C VAL A 81 -23.62 7.53 -4.47
N TYR A 82 -23.85 8.28 -3.40
CA TYR A 82 -22.91 9.31 -2.96
C TYR A 82 -22.34 8.96 -1.59
N LEU A 83 -21.06 9.25 -1.40
CA LEU A 83 -20.45 9.29 -0.07
C LEU A 83 -20.18 10.76 0.26
N GLN A 84 -20.86 11.28 1.29
CA GLN A 84 -20.66 12.64 1.76
C GLN A 84 -19.71 12.60 2.94
N MET A 85 -18.55 13.23 2.80
CA MET A 85 -17.52 13.20 3.83
C MET A 85 -17.33 14.59 4.40
N ASN A 86 -17.66 14.76 5.67
CA ASN A 86 -17.53 16.05 6.33
C ASN A 86 -16.44 15.96 7.40
N SER A 87 -15.93 17.13 7.78
CA SER A 87 -14.89 17.25 8.80
C SER A 87 -13.77 16.23 8.58
N LEU A 88 -13.19 16.28 7.38
CA LEU A 88 -12.17 15.31 7.00
C LEU A 88 -10.92 15.46 7.86
N LYS A 89 -10.24 14.33 8.09
CA LYS A 89 -9.04 14.27 8.90
C LYS A 89 -7.93 13.61 8.09
N THR A 90 -6.67 13.85 8.50
N THR A 90 -6.68 13.87 8.52
CA THR A 90 -5.55 13.25 7.77
CA THR A 90 -5.53 13.26 7.87
C THR A 90 -5.68 11.73 7.68
C THR A 90 -5.73 11.77 7.68
N GLU A 91 -6.21 11.08 8.72
CA GLU A 91 -6.36 9.63 8.71
C GLU A 91 -7.47 9.13 7.79
N ASP A 92 -8.28 10.01 7.20
CA ASP A 92 -9.21 9.62 6.16
C ASP A 92 -8.55 9.51 4.80
N THR A 93 -7.27 9.86 4.67
CA THR A 93 -6.56 9.69 3.40
C THR A 93 -6.59 8.24 2.96
N ALA A 94 -7.08 7.98 1.74
CA ALA A 94 -7.27 6.62 1.27
C ALA A 94 -7.78 6.64 -0.15
N VAL A 95 -7.73 5.48 -0.79
CA VAL A 95 -8.56 5.20 -1.96
C VAL A 95 -9.93 4.77 -1.46
N TYR A 96 -10.98 5.36 -2.01
CA TYR A 96 -12.36 5.04 -1.68
C TYR A 96 -12.96 4.26 -2.83
N PHE A 97 -13.43 3.04 -2.52
CA PHE A 97 -14.06 2.16 -3.50
C PHE A 97 -15.56 2.14 -3.26
N CYS A 98 -16.31 2.34 -4.34
CA CYS A 98 -17.73 2.07 -4.36
C CYS A 98 -17.95 0.61 -4.77
N THR A 99 -18.91 -0.06 -4.13
CA THR A 99 -19.12 -1.48 -4.36
C THR A 99 -20.60 -1.79 -4.37
N ARG A 100 -20.95 -2.85 -5.10
CA ARG A 100 -22.30 -3.39 -5.14
C ARG A 100 -22.38 -4.58 -4.19
N VAL A 101 -23.43 -4.62 -3.37
CA VAL A 101 -23.69 -5.79 -2.52
C VAL A 101 -24.45 -6.82 -3.35
N GLN A 102 -24.00 -8.07 -3.31
CA GLN A 102 -24.61 -9.09 -4.15
C GLN A 102 -26.03 -9.40 -3.69
N LEU A 103 -26.77 -10.07 -4.57
CA LEU A 103 -28.13 -10.50 -4.30
C LEU A 103 -28.29 -12.01 -4.34
N ASP A 104 -27.20 -12.75 -4.53
CA ASP A 104 -27.29 -14.22 -4.59
C ASP A 104 -27.96 -14.79 -3.36
N TYR A 105 -28.85 -15.74 -3.57
CA TYR A 105 -29.59 -16.36 -2.47
C TYR A 105 -28.81 -17.52 -1.88
N GLY A 106 -28.75 -17.57 -0.56
CA GLY A 106 -28.21 -18.68 0.16
C GLY A 106 -29.30 -19.46 0.83
N PRO A 107 -28.95 -20.23 1.86
CA PRO A 107 -29.93 -21.13 2.53
C PRO A 107 -30.79 -20.39 3.54
N GLY A 108 -31.87 -19.79 3.05
CA GLY A 108 -32.81 -19.07 3.88
C GLY A 108 -32.53 -17.59 4.06
N TYR A 109 -31.49 -17.07 3.42
CA TYR A 109 -31.17 -15.65 3.44
C TYR A 109 -30.41 -15.34 2.17
N GLN A 110 -30.25 -14.07 1.87
CA GLN A 110 -29.42 -13.66 0.77
C GLN A 110 -28.02 -13.35 1.26
N TYR A 111 -27.03 -13.79 0.50
CA TYR A 111 -25.64 -13.40 0.73
C TYR A 111 -25.47 -11.91 0.53
N TYR A 112 -24.35 -11.38 1.06
CA TYR A 112 -24.19 -9.94 1.06
C TYR A 112 -22.74 -9.51 0.88
N GLY A 113 -21.93 -10.32 0.22
CA GLY A 113 -20.60 -9.89 -0.15
C GLY A 113 -20.64 -8.81 -1.21
N MET A 114 -19.50 -8.15 -1.39
CA MET A 114 -19.37 -7.05 -2.35
C MET A 114 -18.90 -7.63 -3.67
N ASP A 115 -19.82 -7.83 -4.59
CA ASP A 115 -19.50 -8.61 -5.80
C ASP A 115 -18.96 -7.79 -6.97
N VAL A 116 -19.08 -6.47 -6.93
CA VAL A 116 -18.51 -5.60 -7.95
C VAL A 116 -17.88 -4.41 -7.24
N TRP A 117 -16.66 -4.05 -7.62
CA TRP A 117 -15.92 -2.94 -7.04
C TRP A 117 -15.52 -1.98 -8.17
N GLY A 118 -15.66 -0.68 -7.93
CA GLY A 118 -15.04 0.28 -8.82
C GLY A 118 -13.54 0.28 -8.67
N GLN A 119 -12.88 1.04 -9.54
CA GLN A 119 -11.44 1.18 -9.48
C GLN A 119 -10.98 2.07 -8.33
N GLY A 120 -11.88 2.88 -7.77
CA GLY A 120 -11.57 3.72 -6.63
C GLY A 120 -11.22 5.14 -7.05
N THR A 121 -11.37 6.07 -6.10
CA THR A 121 -10.93 7.44 -6.25
C THR A 121 -10.07 7.80 -5.02
N THR A 122 -8.95 8.49 -5.26
CA THR A 122 -8.02 8.80 -4.19
C THR A 122 -8.39 10.11 -3.52
N VAL A 123 -8.48 10.07 -2.19
CA VAL A 123 -8.72 11.26 -1.38
C VAL A 123 -7.51 11.45 -0.48
N THR A 124 -6.91 12.64 -0.55
CA THR A 124 -5.75 12.95 0.28
C THR A 124 -6.10 14.16 1.13
N VAL A 125 -6.06 14.00 2.45
CA VAL A 125 -6.42 15.05 3.39
C VAL A 125 -5.13 15.58 4.00
N SER A 126 -4.82 16.85 3.72
CA SER A 126 -3.59 17.44 4.20
C SER A 126 -3.72 18.95 4.21
N SER A 127 -3.03 19.58 5.16
CA SER A 127 -2.96 21.03 5.20
C SER A 127 -1.71 21.56 4.52
N ALA A 128 -0.90 20.70 3.92
CA ALA A 128 0.31 21.14 3.26
C ALA A 128 -0.02 21.97 2.01
N SER A 129 0.92 22.83 1.64
CA SER A 129 0.82 23.62 0.43
C SER A 129 1.75 23.08 -0.64
N THR A 130 1.40 23.35 -1.89
CA THR A 130 2.23 22.94 -3.02
C THR A 130 3.67 23.39 -2.81
N LYS A 131 4.59 22.46 -2.99
CA LYS A 131 6.00 22.73 -2.78
C LYS A 131 6.82 21.87 -3.73
N GLY A 132 7.69 22.50 -4.50
CA GLY A 132 8.58 21.77 -5.37
C GLY A 132 9.70 21.10 -4.59
N PRO A 133 10.24 20.01 -5.14
CA PRO A 133 11.29 19.26 -4.43
C PRO A 133 12.62 19.98 -4.47
N SER A 134 13.44 19.66 -3.46
CA SER A 134 14.87 19.96 -3.46
C SER A 134 15.60 18.68 -3.86
N VAL A 135 16.44 18.76 -4.89
CA VAL A 135 17.08 17.57 -5.43
C VAL A 135 18.54 17.60 -5.02
N PHE A 136 18.96 16.57 -4.29
CA PHE A 136 20.33 16.46 -3.82
C PHE A 136 21.00 15.23 -4.42
N PRO A 137 22.27 15.32 -4.77
CA PRO A 137 22.97 14.16 -5.34
C PRO A 137 23.35 13.18 -4.24
N LEU A 138 23.28 11.89 -4.57
CA LEU A 138 23.80 10.82 -3.73
C LEU A 138 25.05 10.30 -4.42
N ALA A 139 26.19 10.83 -4.02
CA ALA A 139 27.42 10.65 -4.79
C ALA A 139 27.99 9.25 -4.58
N PRO A 140 28.52 8.64 -5.62
CA PRO A 140 29.18 7.34 -5.47
C PRO A 140 30.58 7.51 -4.88
N SER A 141 31.05 6.44 -4.25
CA SER A 141 32.37 6.42 -3.63
C SER A 141 32.77 4.96 -3.44
N SER A 142 33.91 4.75 -2.77
CA SER A 142 34.29 3.38 -2.39
C SER A 142 33.29 2.78 -1.42
N LYS A 143 32.65 3.61 -0.60
CA LYS A 143 31.62 3.14 0.33
C LYS A 143 30.33 2.75 -0.35
N SER A 144 30.16 3.08 -1.64
CA SER A 144 29.03 2.62 -2.43
C SER A 144 29.44 1.65 -3.52
N THR A 145 30.69 1.20 -3.51
CA THR A 145 31.23 0.32 -4.55
C THR A 145 31.48 -1.08 -3.98
N SER A 146 30.94 -2.08 -4.67
CA SER A 146 31.19 -3.48 -4.34
C SER A 146 31.34 -4.25 -5.64
N GLY A 147 32.47 -4.92 -5.80
CA GLY A 147 32.68 -5.81 -6.94
C GLY A 147 32.58 -5.16 -8.30
N GLY A 148 33.24 -4.02 -8.49
CA GLY A 148 33.26 -3.36 -9.77
C GLY A 148 32.05 -2.52 -10.11
N THR A 149 31.03 -2.48 -9.26
CA THR A 149 29.86 -1.63 -9.47
C THR A 149 29.80 -0.59 -8.36
N ALA A 150 29.19 0.55 -8.68
CA ALA A 150 28.98 1.62 -7.71
C ALA A 150 27.55 2.10 -7.81
N ALA A 151 26.95 2.43 -6.67
CA ALA A 151 25.62 3.00 -6.63
C ALA A 151 25.72 4.52 -6.52
N LEU A 152 24.86 5.21 -7.28
CA LEU A 152 24.74 6.65 -7.19
C LEU A 152 23.27 6.98 -7.33
N GLY A 153 22.88 8.18 -6.93
CA GLY A 153 21.47 8.46 -7.02
C GLY A 153 21.13 9.91 -6.78
N CYS A 154 19.84 10.17 -6.65
CA CYS A 154 19.34 11.49 -6.34
C CYS A 154 18.28 11.38 -5.26
N LEU A 155 18.35 12.29 -4.31
CA LEU A 155 17.37 12.39 -3.24
C LEU A 155 16.42 13.53 -3.62
N VAL A 156 15.15 13.21 -3.77
CA VAL A 156 14.11 14.16 -4.16
C VAL A 156 13.33 14.50 -2.89
N LYS A 157 13.70 15.59 -2.25
CA LYS A 157 13.32 15.85 -0.87
C LYS A 157 12.22 16.91 -0.77
N ASP A 158 11.23 16.64 0.08
CA ASP A 158 10.33 17.67 0.62
C ASP A 158 9.46 18.34 -0.44
N TYR A 159 8.64 17.54 -1.10
CA TYR A 159 7.71 18.07 -2.10
C TYR A 159 6.27 17.74 -1.71
N PHE A 160 5.33 18.46 -2.32
CA PHE A 160 3.92 18.22 -2.07
C PHE A 160 3.12 18.81 -3.22
N PRO A 161 2.09 18.12 -3.73
CA PRO A 161 1.69 16.75 -3.40
C PRO A 161 2.43 15.76 -4.31
N GLU A 162 2.07 14.50 -4.24
CA GLU A 162 2.54 13.54 -5.21
C GLU A 162 1.94 13.87 -6.57
N PRO A 163 2.56 13.41 -7.67
CA PRO A 163 3.79 12.62 -7.73
C PRO A 163 4.98 13.38 -8.31
N VAL A 164 6.17 12.82 -8.16
N VAL A 164 6.15 12.75 -8.24
CA VAL A 164 7.29 13.24 -8.98
CA VAL A 164 7.37 13.21 -8.89
C VAL A 164 7.62 12.09 -9.92
C VAL A 164 7.85 12.08 -9.81
N THR A 165 8.25 12.43 -11.03
CA THR A 165 8.83 11.46 -11.95
C THR A 165 10.32 11.75 -12.09
N VAL A 166 11.10 10.68 -12.27
CA VAL A 166 12.55 10.77 -12.37
C VAL A 166 13.00 9.96 -13.57
N SER A 167 13.92 10.54 -14.35
CA SER A 167 14.66 9.80 -15.37
C SER A 167 16.15 10.10 -15.18
N TRP A 168 16.98 9.35 -15.89
CA TRP A 168 18.43 9.53 -15.86
C TRP A 168 18.93 9.77 -17.27
N ASN A 169 19.79 10.78 -17.43
CA ASN A 169 20.38 11.11 -18.72
C ASN A 169 19.32 11.29 -19.80
N SER A 170 18.25 11.99 -19.43
CA SER A 170 17.14 12.31 -20.33
C SER A 170 16.43 11.07 -20.84
N GLY A 171 16.46 9.98 -20.05
CA GLY A 171 15.82 8.75 -20.43
C GLY A 171 16.68 7.78 -21.19
N ALA A 172 17.94 8.12 -21.46
CA ALA A 172 18.84 7.20 -22.16
C ALA A 172 19.38 6.11 -21.24
N LEU A 173 19.39 6.33 -19.95
CA LEU A 173 19.93 5.39 -18.97
C LEU A 173 18.77 4.75 -18.22
N THR A 174 18.56 3.46 -18.46
CA THR A 174 17.45 2.74 -17.85
C THR A 174 17.93 1.49 -17.11
N SER A 175 19.02 0.89 -17.59
CA SER A 175 19.54 -0.32 -16.96
C SER A 175 20.08 -0.01 -15.58
N GLY A 176 19.67 -0.80 -14.59
CA GLY A 176 20.11 -0.62 -13.22
C GLY A 176 19.47 0.52 -12.47
N VAL A 177 18.45 1.16 -13.04
CA VAL A 177 17.75 2.28 -12.42
C VAL A 177 16.58 1.75 -11.60
N HIS A 178 16.41 2.27 -10.39
CA HIS A 178 15.18 2.04 -9.66
C HIS A 178 14.79 3.34 -8.96
N THR A 179 13.57 3.80 -9.22
CA THR A 179 13.01 4.95 -8.54
C THR A 179 12.01 4.42 -7.52
N PHE A 180 12.21 4.77 -6.26
CA PHE A 180 11.45 4.19 -5.17
C PHE A 180 10.12 4.92 -5.01
N PRO A 181 9.16 4.27 -4.33
CA PRO A 181 7.96 5.00 -3.90
C PRO A 181 8.32 6.08 -2.91
N ALA A 182 7.41 7.03 -2.75
CA ALA A 182 7.65 8.13 -1.81
C ALA A 182 7.35 7.71 -0.37
N VAL A 183 8.00 8.39 0.57
CA VAL A 183 7.62 8.35 1.98
C VAL A 183 6.91 9.66 2.30
N LEU A 184 5.96 9.60 3.24
CA LEU A 184 5.30 10.79 3.76
C LEU A 184 5.88 11.06 5.15
N GLN A 185 6.53 12.21 5.30
CA GLN A 185 7.20 12.59 6.54
C GLN A 185 6.20 13.23 7.50
N SER A 186 6.65 13.36 8.76
CA SER A 186 5.82 14.01 9.78
C SER A 186 5.56 15.48 9.46
N SER A 187 6.38 16.10 8.62
CA SER A 187 6.15 17.46 8.17
C SER A 187 4.99 17.58 7.20
N GLY A 188 4.42 16.47 6.73
CA GLY A 188 3.41 16.51 5.69
C GLY A 188 3.97 16.55 4.28
N LEU A 189 5.29 16.53 4.11
CA LEU A 189 5.91 16.57 2.79
C LEU A 189 6.42 15.19 2.42
N TYR A 190 6.45 14.91 1.13
CA TYR A 190 6.92 13.65 0.59
C TYR A 190 8.39 13.74 0.20
N SER A 191 9.04 12.59 0.16
CA SER A 191 10.40 12.45 -0.35
C SER A 191 10.51 11.10 -1.03
N LEU A 192 11.35 11.03 -2.06
CA LEU A 192 11.73 9.74 -2.64
C LEU A 192 13.18 9.82 -3.10
N SER A 193 13.69 8.68 -3.55
N SER A 193 13.69 8.69 -3.58
CA SER A 193 15.02 8.61 -4.13
CA SER A 193 15.03 8.65 -4.14
C SER A 193 14.95 7.82 -5.42
C SER A 193 15.05 7.74 -5.34
N SER A 194 15.98 8.01 -6.26
CA SER A 194 16.20 7.19 -7.43
C SER A 194 17.67 6.81 -7.42
N VAL A 195 17.95 5.54 -7.69
CA VAL A 195 19.30 5.01 -7.61
C VAL A 195 19.63 4.31 -8.91
N VAL A 196 20.92 4.36 -9.30
CA VAL A 196 21.43 3.61 -10.44
C VAL A 196 22.70 2.92 -10.00
N THR A 197 22.82 1.64 -10.34
N THR A 197 22.83 1.65 -10.38
CA THR A 197 24.06 0.92 -10.17
CA THR A 197 24.05 0.89 -10.18
C THR A 197 24.79 0.91 -11.50
C THR A 197 24.81 0.86 -11.51
N VAL A 198 26.05 1.36 -11.49
CA VAL A 198 26.82 1.57 -12.71
C VAL A 198 28.19 0.92 -12.52
N PRO A 199 28.90 0.65 -13.61
CA PRO A 199 30.27 0.16 -13.49
C PRO A 199 31.14 1.22 -12.84
N SER A 200 31.97 0.79 -11.88
N SER A 200 31.96 0.79 -11.87
CA SER A 200 32.88 1.74 -11.23
CA SER A 200 32.88 1.73 -11.23
C SER A 200 33.86 2.34 -12.24
C SER A 200 33.83 2.35 -12.25
N SER A 201 34.16 1.61 -13.32
CA SER A 201 35.06 2.11 -14.35
C SER A 201 34.48 3.27 -15.14
N SER A 202 33.18 3.50 -15.04
CA SER A 202 32.52 4.59 -15.74
C SER A 202 32.53 5.91 -14.97
N LEU A 203 32.83 5.89 -13.67
CA LEU A 203 32.82 7.12 -12.89
C LEU A 203 33.92 8.05 -13.39
N GLY A 204 33.62 9.33 -13.50
CA GLY A 204 34.63 10.24 -14.01
C GLY A 204 34.92 10.16 -15.49
N THR A 205 34.29 9.24 -16.22
CA THR A 205 34.19 9.36 -17.68
C THR A 205 32.76 9.52 -18.18
N GLN A 206 31.79 8.90 -17.51
CA GLN A 206 30.39 9.00 -17.90
C GLN A 206 29.68 10.02 -17.01
N THR A 207 28.95 10.94 -17.62
CA THR A 207 28.17 11.91 -16.87
C THR A 207 26.82 11.30 -16.50
N TYR A 208 26.41 11.50 -15.25
CA TYR A 208 25.14 11.00 -14.76
C TYR A 208 24.31 12.17 -14.25
N ILE A 209 23.14 12.37 -14.84
CA ILE A 209 22.26 13.47 -14.51
C ILE A 209 20.88 12.90 -14.23
N CYS A 210 20.32 13.24 -13.07
CA CYS A 210 18.94 12.85 -12.82
C CYS A 210 18.02 13.99 -13.19
N ASN A 211 16.94 13.66 -13.88
CA ASN A 211 15.96 14.64 -14.35
C ASN A 211 14.69 14.43 -13.53
N VAL A 212 14.29 15.46 -12.80
CA VAL A 212 13.18 15.38 -11.86
C VAL A 212 12.08 16.33 -12.33
N ASN A 213 10.85 15.82 -12.39
CA ASN A 213 9.71 16.61 -12.81
C ASN A 213 8.65 16.53 -11.72
N HIS A 214 8.18 17.70 -11.26
CA HIS A 214 7.08 17.79 -10.31
C HIS A 214 6.03 18.70 -10.93
N LYS A 215 5.10 18.11 -11.68
CA LYS A 215 4.06 18.90 -12.35
C LYS A 215 3.25 19.81 -11.42
N PRO A 216 2.86 19.39 -10.21
CA PRO A 216 2.02 20.29 -9.38
C PRO A 216 2.65 21.63 -9.09
N SER A 217 3.98 21.70 -8.99
CA SER A 217 4.66 22.96 -8.77
C SER A 217 5.30 23.52 -10.02
N ASN A 218 5.13 22.85 -11.17
CA ASN A 218 5.77 23.24 -12.42
C ASN A 218 7.29 23.30 -12.29
N THR A 219 7.85 22.33 -11.57
CA THR A 219 9.29 22.27 -11.30
C THR A 219 9.93 21.18 -12.15
N LYS A 220 10.99 21.54 -12.86
CA LYS A 220 11.85 20.58 -13.52
C LYS A 220 13.27 20.88 -13.07
N VAL A 221 13.96 19.86 -12.58
CA VAL A 221 15.32 20.02 -12.07
C VAL A 221 16.19 18.93 -12.71
N ASP A 222 17.35 19.32 -13.22
CA ASP A 222 18.41 18.40 -13.62
C ASP A 222 19.55 18.54 -12.62
N LYS A 223 20.05 17.43 -12.12
CA LYS A 223 21.13 17.45 -11.14
C LYS A 223 22.21 16.47 -11.58
N LYS A 224 23.42 16.99 -11.80
CA LYS A 224 24.55 16.14 -12.11
C LYS A 224 25.06 15.51 -10.82
N VAL A 225 25.32 14.20 -10.86
CA VAL A 225 25.77 13.46 -9.69
C VAL A 225 27.22 13.08 -9.96
N GLU A 226 28.15 13.67 -9.18
CA GLU A 226 29.58 13.52 -9.39
C GLU A 226 30.20 12.65 -8.30
N PRO A 227 31.25 11.90 -8.63
CA PRO A 227 31.92 11.07 -7.61
C PRO A 227 32.47 11.94 -6.48
N LYS A 228 32.48 11.37 -5.28
CA LYS A 228 32.95 12.08 -4.09
C LYS A 228 34.38 12.60 -4.24
N GLU B 1 -6.07 -3.82 18.36
CA GLU B 1 -7.14 -4.72 18.77
C GLU B 1 -8.06 -4.98 17.58
N SER B 2 -7.89 -6.14 16.95
CA SER B 2 -8.69 -6.52 15.79
C SER B 2 -9.54 -7.73 16.17
N VAL B 3 -10.70 -7.84 15.53
CA VAL B 3 -11.57 -8.99 15.76
C VAL B 3 -11.37 -10.11 14.74
N LEU B 4 -10.70 -9.83 13.63
CA LEU B 4 -10.33 -10.79 12.61
C LEU B 4 -8.87 -10.54 12.30
N THR B 5 -8.06 -11.59 12.31
CA THR B 5 -6.64 -11.44 12.03
C THR B 5 -6.20 -12.44 10.98
N GLN B 6 -5.16 -12.07 10.24
CA GLN B 6 -4.59 -12.90 9.19
C GLN B 6 -3.07 -12.81 9.27
N PRO B 7 -2.37 -13.84 8.83
CA PRO B 7 -0.92 -13.74 8.74
C PRO B 7 -0.53 -12.65 7.77
N PRO B 8 0.51 -11.87 8.05
CA PRO B 8 0.87 -10.81 7.11
C PRO B 8 1.29 -11.32 5.75
N SER B 9 1.85 -12.51 5.67
CA SER B 9 2.37 -13.03 4.41
C SER B 9 2.35 -14.54 4.41
N VAL B 10 2.23 -15.12 3.21
CA VAL B 10 2.43 -16.54 2.98
C VAL B 10 3.17 -16.68 1.67
N SER B 11 3.91 -17.77 1.54
CA SER B 11 4.59 -18.05 0.28
C SER B 11 4.49 -19.53 -0.05
N GLY B 12 4.57 -19.81 -1.34
CA GLY B 12 4.65 -21.18 -1.80
C GLY B 12 5.33 -21.22 -3.15
N ALA B 13 5.81 -22.40 -3.50
CA ALA B 13 6.45 -22.62 -4.77
C ALA B 13 5.41 -22.86 -5.86
N PRO B 14 5.75 -22.57 -7.12
CA PRO B 14 4.83 -22.84 -8.22
C PRO B 14 4.32 -24.27 -8.19
N GLY B 15 3.00 -24.41 -8.43
CA GLY B 15 2.36 -25.70 -8.44
C GLY B 15 1.96 -26.23 -7.09
N GLN B 16 2.35 -25.58 -5.99
CA GLN B 16 2.09 -26.12 -4.67
C GLN B 16 0.83 -25.49 -4.08
N ARG B 17 0.62 -25.69 -2.79
CA ARG B 17 -0.60 -25.30 -2.11
C ARG B 17 -0.26 -24.43 -0.91
N VAL B 18 -1.04 -23.39 -0.71
CA VAL B 18 -0.94 -22.57 0.49
C VAL B 18 -2.31 -22.48 1.15
N THR B 19 -2.29 -22.21 2.46
N THR B 19 -2.30 -22.16 2.44
CA THR B 19 -3.50 -21.86 3.18
CA THR B 19 -3.53 -21.91 3.20
C THR B 19 -3.32 -20.50 3.82
C THR B 19 -3.38 -20.60 3.96
N ILE B 20 -4.41 -19.75 3.86
CA ILE B 20 -4.44 -18.44 4.49
C ILE B 20 -5.53 -18.47 5.54
N SER B 21 -5.14 -18.29 6.80
CA SER B 21 -6.09 -18.37 7.91
C SER B 21 -6.72 -17.00 8.16
N CYS B 22 -7.98 -17.05 8.57
CA CYS B 22 -8.72 -15.90 9.05
C CYS B 22 -9.15 -16.26 10.47
N THR B 23 -8.47 -15.69 11.45
CA THR B 23 -8.70 -16.05 12.84
C THR B 23 -9.72 -15.07 13.42
N GLY B 24 -10.89 -15.58 13.78
CA GLY B 24 -11.95 -14.74 14.28
C GLY B 24 -12.32 -15.05 15.70
N MET B 25 -13.53 -14.67 16.09
CA MET B 25 -13.94 -14.67 17.48
C MET B 25 -15.39 -15.12 17.58
N ASN B 26 -15.83 -15.33 18.82
CA ASN B 26 -17.21 -15.69 19.08
C ASN B 26 -18.19 -14.61 18.63
N SER B 27 -17.72 -13.39 18.45
CA SER B 27 -18.56 -12.27 17.99
C SER B 27 -18.66 -12.17 16.48
N ASN B 28 -17.95 -13.00 15.72
CA ASN B 28 -18.03 -12.95 14.27
C ASN B 28 -18.20 -14.35 13.69
N ILE B 29 -17.10 -14.98 13.25
CA ILE B 29 -17.18 -16.31 12.65
C ILE B 29 -17.81 -17.30 13.62
N GLY B 30 -17.44 -17.22 14.90
CA GLY B 30 -17.98 -18.14 15.88
C GLY B 30 -19.47 -18.01 16.11
N ALA B 31 -20.04 -16.85 15.81
CA ALA B 31 -21.47 -16.63 15.95
C ALA B 31 -22.25 -17.11 14.72
N GLY B 32 -21.55 -17.56 13.68
CA GLY B 32 -22.19 -18.06 12.49
C GLY B 32 -22.28 -17.09 11.34
N TYR B 33 -21.70 -15.89 11.48
CA TYR B 33 -21.72 -14.97 10.36
C TYR B 33 -20.82 -15.47 9.25
N ASP B 34 -21.28 -15.33 8.02
CA ASP B 34 -20.50 -15.93 6.95
C ASP B 34 -19.23 -15.14 6.66
N VAL B 35 -18.28 -15.83 6.07
CA VAL B 35 -16.99 -15.28 5.69
C VAL B 35 -16.95 -15.06 4.18
N TYR B 36 -16.40 -13.92 3.79
CA TYR B 36 -16.19 -13.59 2.38
C TYR B 36 -14.71 -13.35 2.19
N TRP B 37 -14.18 -13.73 1.03
CA TRP B 37 -12.78 -13.53 0.70
C TRP B 37 -12.66 -12.71 -0.57
N TYR B 38 -11.68 -11.81 -0.56
CA TYR B 38 -11.38 -10.96 -1.70
C TYR B 38 -9.92 -11.12 -2.08
N GLN B 39 -9.64 -11.05 -3.37
CA GLN B 39 -8.31 -11.06 -3.93
C GLN B 39 -8.01 -9.68 -4.49
N GLN B 40 -6.88 -9.10 -4.11
CA GLN B 40 -6.50 -7.79 -4.62
C GLN B 40 -5.14 -7.88 -5.30
N LEU B 41 -5.17 -7.93 -6.62
CA LEU B 41 -3.94 -7.94 -7.39
C LEU B 41 -3.21 -6.62 -7.24
N PRO B 42 -1.89 -6.61 -7.41
CA PRO B 42 -1.12 -5.37 -7.21
C PRO B 42 -1.65 -4.24 -8.10
N GLY B 43 -1.95 -3.11 -7.47
CA GLY B 43 -2.43 -1.95 -8.19
C GLY B 43 -3.85 -2.01 -8.69
N ARG B 44 -4.62 -3.03 -8.31
CA ARG B 44 -5.99 -3.21 -8.77
C ARG B 44 -6.94 -3.12 -7.58
N ALA B 45 -8.24 -2.98 -7.89
CA ALA B 45 -9.27 -3.06 -6.87
C ALA B 45 -9.48 -4.52 -6.46
N PRO B 46 -9.97 -4.75 -5.25
CA PRO B 46 -10.35 -6.10 -4.82
C PRO B 46 -11.42 -6.71 -5.72
N LYS B 47 -11.42 -8.05 -5.76
CA LYS B 47 -12.41 -8.86 -6.45
C LYS B 47 -12.95 -9.91 -5.47
N LEU B 48 -14.26 -10.16 -5.52
CA LEU B 48 -14.85 -11.20 -4.67
C LEU B 48 -14.37 -12.56 -5.15
N LEU B 49 -13.83 -13.35 -4.25
CA LEU B 49 -13.19 -14.61 -4.56
C LEU B 49 -13.97 -15.80 -4.03
N ILE B 50 -14.47 -15.70 -2.79
CA ILE B 50 -15.30 -16.71 -2.14
C ILE B 50 -16.41 -15.96 -1.42
N TYR B 51 -17.64 -16.45 -1.51
CA TYR B 51 -18.73 -15.85 -0.77
C TYR B 51 -19.46 -16.92 0.03
N GLY B 52 -20.01 -16.52 1.18
CA GLY B 52 -20.74 -17.50 1.96
C GLY B 52 -19.88 -18.68 2.39
N ASN B 53 -18.67 -18.39 2.87
CA ASN B 53 -17.71 -19.35 3.43
C ASN B 53 -16.99 -20.17 2.36
N SER B 54 -17.72 -20.70 1.38
CA SER B 54 -17.15 -21.71 0.52
C SER B 54 -17.59 -21.64 -0.94
N ASN B 55 -18.40 -20.68 -1.35
CA ASN B 55 -18.94 -20.64 -2.70
C ASN B 55 -18.05 -19.83 -3.62
N ARG B 56 -17.78 -20.36 -4.80
CA ARG B 56 -17.02 -19.60 -5.80
C ARG B 56 -17.95 -18.89 -6.76
N PRO B 57 -17.65 -17.64 -7.10
CA PRO B 57 -18.28 -17.04 -8.29
C PRO B 57 -18.02 -17.92 -9.50
N SER B 58 -18.93 -17.89 -10.48
N SER B 58 -18.92 -17.85 -10.48
CA SER B 58 -18.88 -18.80 -11.62
CA SER B 58 -18.93 -18.76 -11.62
C SER B 58 -17.52 -18.81 -12.31
C SER B 58 -17.65 -18.74 -12.45
N GLY B 59 -16.85 -17.67 -12.37
CA GLY B 59 -15.59 -17.59 -13.08
C GLY B 59 -14.34 -17.88 -12.29
N VAL B 60 -14.45 -18.10 -10.98
CA VAL B 60 -13.29 -18.36 -10.14
C VAL B 60 -13.00 -19.85 -10.18
N PRO B 61 -11.78 -20.29 -10.49
CA PRO B 61 -11.52 -21.72 -10.64
C PRO B 61 -11.41 -22.43 -9.29
N ASP B 62 -11.62 -23.75 -9.34
CA ASP B 62 -11.67 -24.57 -8.13
C ASP B 62 -10.28 -24.77 -7.48
N ARG B 63 -9.23 -24.11 -7.97
CA ARG B 63 -7.99 -24.03 -7.22
C ARG B 63 -8.15 -23.24 -5.95
N PHE B 64 -9.19 -22.40 -5.87
CA PHE B 64 -9.49 -21.60 -4.70
C PHE B 64 -10.64 -22.24 -3.94
N SER B 65 -10.48 -22.45 -2.65
CA SER B 65 -11.55 -23.03 -1.85
C SER B 65 -11.55 -22.42 -0.46
N GLY B 66 -12.73 -22.38 0.13
CA GLY B 66 -12.90 -21.77 1.44
C GLY B 66 -13.60 -22.73 2.39
N SER B 67 -13.22 -22.61 3.67
CA SER B 67 -13.81 -23.47 4.70
C SER B 67 -13.88 -22.67 6.00
N ARG B 68 -14.66 -23.19 6.93
N ARG B 68 -14.58 -23.23 6.98
CA ARG B 68 -14.72 -22.60 8.25
CA ARG B 68 -14.84 -22.54 8.23
C ARG B 68 -14.80 -23.71 9.28
C ARG B 68 -15.12 -23.56 9.33
N SER B 69 -14.54 -23.33 10.52
CA SER B 69 -14.71 -24.23 11.65
C SER B 69 -14.57 -23.45 12.94
N GLY B 70 -15.61 -23.48 13.77
CA GLY B 70 -15.57 -22.75 15.03
C GLY B 70 -15.40 -21.27 14.77
N THR B 71 -14.32 -20.69 15.30
CA THR B 71 -14.09 -19.26 15.22
C THR B 71 -13.14 -18.85 14.11
N SER B 72 -12.73 -19.78 13.24
N SER B 72 -12.73 -19.78 13.24
CA SER B 72 -11.78 -19.47 12.18
CA SER B 72 -11.77 -19.45 12.18
C SER B 72 -12.33 -19.85 10.82
C SER B 72 -12.24 -19.94 10.83
N ALA B 73 -11.63 -19.38 9.80
CA ALA B 73 -11.91 -19.73 8.41
C ALA B 73 -10.57 -19.84 7.70
N SER B 74 -10.59 -20.46 6.53
N SER B 74 -10.58 -20.45 6.50
CA SER B 74 -9.36 -20.69 5.79
CA SER B 74 -9.33 -20.74 5.82
C SER B 74 -9.64 -20.60 4.31
C SER B 74 -9.52 -20.77 4.30
N LEU B 75 -8.70 -19.99 3.59
CA LEU B 75 -8.67 -19.99 2.13
C LEU B 75 -7.51 -20.87 1.69
N ALA B 76 -7.79 -21.86 0.85
CA ALA B 76 -6.75 -22.72 0.30
C ALA B 76 -6.58 -22.40 -1.18
N ILE B 77 -5.33 -22.31 -1.65
CA ILE B 77 -5.01 -22.07 -3.05
C ILE B 77 -4.08 -23.18 -3.48
N THR B 78 -4.50 -23.96 -4.47
CA THR B 78 -3.67 -25.03 -5.01
C THR B 78 -3.17 -24.67 -6.41
N GLY B 79 -2.24 -25.48 -6.90
CA GLY B 79 -1.65 -25.26 -8.21
C GLY B 79 -1.13 -23.85 -8.40
N LEU B 80 -0.39 -23.35 -7.40
CA LEU B 80 -0.02 -21.95 -7.37
C LEU B 80 0.60 -21.49 -8.67
N GLN B 81 0.14 -20.33 -9.15
CA GLN B 81 0.68 -19.70 -10.36
C GLN B 81 1.15 -18.30 -10.00
N ALA B 82 2.09 -17.80 -10.80
CA ALA B 82 2.61 -16.44 -10.59
C ALA B 82 1.48 -15.43 -10.53
N GLU B 83 0.44 -15.61 -11.34
CA GLU B 83 -0.69 -14.70 -11.42
C GLU B 83 -1.51 -14.66 -10.15
N ASP B 84 -1.30 -15.60 -9.23
CA ASP B 84 -1.99 -15.61 -7.96
C ASP B 84 -1.41 -14.63 -6.95
N GLU B 85 -0.24 -14.06 -7.22
CA GLU B 85 0.36 -13.12 -6.26
C GLU B 85 -0.55 -11.92 -6.09
N ALA B 86 -0.92 -11.65 -4.84
CA ALA B 86 -1.98 -10.69 -4.54
C ALA B 86 -2.05 -10.59 -3.03
N ASP B 87 -2.83 -9.64 -2.56
CA ASP B 87 -3.22 -9.57 -1.17
C ASP B 87 -4.61 -10.16 -1.04
N TYR B 88 -4.81 -11.04 -0.07
CA TYR B 88 -6.08 -11.73 0.15
C TYR B 88 -6.65 -11.25 1.48
N TYR B 89 -7.94 -10.91 1.48
CA TYR B 89 -8.63 -10.37 2.65
C TYR B 89 -9.84 -11.23 2.97
N CYS B 90 -10.03 -11.52 4.26
CA CYS B 90 -11.27 -12.09 4.73
C CYS B 90 -12.15 -11.01 5.36
N GLN B 91 -13.46 -11.27 5.37
CA GLN B 91 -14.44 -10.34 5.88
C GLN B 91 -15.54 -11.10 6.61
N SER B 92 -16.01 -10.55 7.73
CA SER B 92 -17.18 -11.10 8.42
C SER B 92 -17.79 -10.00 9.28
N TYR B 93 -19.11 -10.06 9.43
CA TYR B 93 -19.77 -9.15 10.35
C TYR B 93 -19.38 -9.50 11.77
N ASP B 94 -19.24 -8.48 12.60
CA ASP B 94 -18.91 -8.67 14.01
C ASP B 94 -19.95 -7.98 14.87
N THR B 95 -20.55 -8.74 15.80
CA THR B 95 -21.63 -8.21 16.64
C THR B 95 -21.12 -7.18 17.64
N SER B 96 -19.88 -7.32 18.10
CA SER B 96 -19.39 -6.45 19.15
C SER B 96 -19.00 -5.10 18.61
N LEU B 97 -18.59 -5.02 17.34
CA LEU B 97 -18.33 -3.74 16.69
C LEU B 97 -19.47 -3.29 15.80
N ASN B 98 -20.47 -4.15 15.59
CA ASN B 98 -21.64 -3.84 14.78
C ASN B 98 -21.25 -3.35 13.39
N GLY B 99 -20.40 -4.12 12.71
CA GLY B 99 -20.09 -3.77 11.33
C GLY B 99 -19.28 -4.89 10.68
N TRP B 100 -19.06 -4.73 9.38
CA TRP B 100 -18.26 -5.68 8.61
C TRP B 100 -16.78 -5.44 8.92
N ALA B 101 -16.15 -6.42 9.53
CA ALA B 101 -14.72 -6.38 9.82
C ALA B 101 -13.95 -7.03 8.66
N PHE B 102 -12.73 -6.55 8.44
CA PHE B 102 -11.81 -7.19 7.51
C PHE B 102 -10.61 -7.67 8.33
N GLY B 103 -10.05 -8.82 7.94
CA GLY B 103 -8.73 -9.19 8.43
C GLY B 103 -7.69 -8.24 7.87
N GLY B 104 -6.48 -8.37 8.37
CA GLY B 104 -5.48 -7.40 7.95
C GLY B 104 -4.90 -7.59 6.57
N GLY B 105 -5.29 -8.67 5.89
CA GLY B 105 -4.73 -8.98 4.58
C GLY B 105 -3.48 -9.85 4.68
N THR B 106 -3.33 -10.72 3.69
CA THR B 106 -2.18 -11.61 3.59
C THR B 106 -1.59 -11.43 2.20
N LYS B 107 -0.32 -11.06 2.14
CA LYS B 107 0.38 -10.96 0.86
C LYS B 107 0.92 -12.33 0.48
N LEU B 108 0.50 -12.83 -0.67
CA LEU B 108 0.98 -14.11 -1.20
C LEU B 108 2.13 -13.89 -2.17
N THR B 109 3.25 -14.56 -1.91
CA THR B 109 4.37 -14.62 -2.83
C THR B 109 4.46 -16.02 -3.41
N VAL B 110 4.59 -16.10 -4.73
CA VAL B 110 4.83 -17.36 -5.41
C VAL B 110 6.31 -17.37 -5.75
N LEU B 111 7.05 -18.29 -5.14
CA LEU B 111 8.51 -18.24 -5.17
C LEU B 111 9.00 -18.72 -6.53
N GLY B 112 9.19 -17.78 -7.45
CA GLY B 112 9.51 -18.10 -8.83
C GLY B 112 10.97 -17.98 -9.21
N GLN B 113 11.87 -17.69 -8.26
CA GLN B 113 13.29 -17.59 -8.56
C GLN B 113 14.06 -17.84 -7.27
N PRO B 114 15.35 -18.11 -7.36
CA PRO B 114 16.11 -18.43 -6.14
C PRO B 114 16.22 -17.24 -5.21
N LYS B 115 16.49 -17.54 -3.94
CA LYS B 115 16.77 -16.50 -2.97
C LYS B 115 17.97 -15.68 -3.44
N ALA B 116 17.87 -14.36 -3.24
CA ALA B 116 18.94 -13.44 -3.62
C ALA B 116 19.14 -12.45 -2.49
N ALA B 117 20.40 -12.25 -2.11
CA ALA B 117 20.75 -11.39 -1.00
C ALA B 117 20.73 -9.92 -1.43
N PRO B 118 20.40 -9.01 -0.53
CA PRO B 118 20.33 -7.60 -0.90
C PRO B 118 21.69 -6.94 -1.01
N SER B 119 21.78 -6.00 -1.93
N SER B 119 21.76 -5.96 -1.90
CA SER B 119 22.85 -5.02 -1.94
CA SER B 119 22.87 -5.01 -1.96
C SER B 119 22.38 -3.82 -1.14
C SER B 119 22.43 -3.75 -1.24
N VAL B 120 23.29 -3.24 -0.36
CA VAL B 120 22.96 -2.12 0.53
C VAL B 120 23.96 -1.01 0.31
N THR B 121 23.49 0.22 0.17
CA THR B 121 24.34 1.39 0.16
C THR B 121 23.76 2.43 1.10
N LEU B 122 24.60 2.96 1.99
CA LEU B 122 24.21 4.01 2.92
C LEU B 122 24.93 5.29 2.50
N PHE B 123 24.15 6.31 2.13
CA PHE B 123 24.69 7.61 1.73
C PHE B 123 24.60 8.59 2.88
N PRO B 124 25.69 9.28 3.21
CA PRO B 124 25.61 10.36 4.19
C PRO B 124 24.95 11.58 3.57
N PRO B 125 24.64 12.59 4.38
CA PRO B 125 24.11 13.84 3.83
C PRO B 125 25.06 14.42 2.79
N SER B 126 24.49 14.93 1.71
CA SER B 126 25.30 15.61 0.70
C SER B 126 25.72 16.97 1.24
N SER B 127 26.82 17.49 0.70
CA SER B 127 27.23 18.83 1.08
C SER B 127 26.17 19.85 0.71
N GLU B 128 25.47 19.65 -0.42
CA GLU B 128 24.40 20.56 -0.81
C GLU B 128 23.29 20.60 0.23
N GLU B 129 22.89 19.45 0.76
CA GLU B 129 21.82 19.45 1.75
C GLU B 129 22.27 20.10 3.05
N LEU B 130 23.50 19.84 3.46
CA LEU B 130 24.05 20.48 4.65
C LEU B 130 24.07 22.00 4.50
N GLN B 131 24.36 22.50 3.28
CA GLN B 131 24.31 23.94 3.05
C GLN B 131 22.89 24.49 3.22
N ALA B 132 21.88 23.66 2.95
CA ALA B 132 20.49 24.02 3.18
C ALA B 132 20.04 23.76 4.62
N ASN B 133 20.97 23.45 5.51
CA ASN B 133 20.70 23.29 6.94
C ASN B 133 19.90 22.03 7.26
N LYS B 134 20.09 20.97 6.49
CA LYS B 134 19.44 19.70 6.74
C LYS B 134 20.45 18.59 6.56
N ALA B 135 20.11 17.40 7.06
CA ALA B 135 21.03 16.26 6.98
C ALA B 135 20.21 14.97 6.94
N THR B 136 20.07 14.38 5.75
CA THR B 136 19.34 13.14 5.58
C THR B 136 20.31 12.03 5.24
N LEU B 137 20.26 10.93 5.99
CA LEU B 137 20.97 9.72 5.64
C LEU B 137 20.03 8.85 4.83
N VAL B 138 20.55 8.23 3.77
CA VAL B 138 19.74 7.48 2.82
C VAL B 138 20.30 6.07 2.70
N CYS B 139 19.50 5.07 3.11
CA CYS B 139 19.87 3.67 3.03
C CYS B 139 19.03 3.03 1.94
N LEU B 140 19.69 2.61 0.85
CA LEU B 140 19.01 2.02 -0.30
C LEU B 140 19.40 0.56 -0.41
N VAL B 141 18.39 -0.28 -0.64
CA VAL B 141 18.51 -1.74 -0.65
C VAL B 141 17.94 -2.23 -1.97
N SER B 142 18.64 -3.14 -2.63
CA SER B 142 18.18 -3.59 -3.93
C SER B 142 18.54 -5.05 -4.16
N ASP B 143 17.88 -5.63 -5.17
CA ASP B 143 18.25 -6.94 -5.73
C ASP B 143 18.07 -8.09 -4.75
N PHE B 144 17.08 -8.02 -3.88
CA PHE B 144 16.79 -9.14 -2.98
C PHE B 144 15.53 -9.88 -3.39
N TYR B 145 15.50 -11.16 -3.02
CA TYR B 145 14.35 -12.03 -3.27
C TYR B 145 14.32 -13.13 -2.23
N PRO B 146 13.15 -13.43 -1.63
CA PRO B 146 11.88 -12.73 -1.83
C PRO B 146 11.81 -11.37 -1.10
N GLY B 147 10.61 -10.87 -0.82
CA GLY B 147 10.45 -9.47 -0.44
C GLY B 147 10.50 -9.13 1.03
N ALA B 148 10.54 -10.10 1.94
CA ALA B 148 10.58 -9.78 3.36
C ALA B 148 11.95 -9.21 3.71
N VAL B 149 11.95 -8.10 4.44
CA VAL B 149 13.21 -7.41 4.78
C VAL B 149 12.97 -6.54 6.00
N THR B 150 14.02 -6.41 6.83
CA THR B 150 14.01 -5.54 8.00
C THR B 150 15.11 -4.51 7.81
N VAL B 151 14.77 -3.23 8.00
CA VAL B 151 15.76 -2.15 7.97
C VAL B 151 15.73 -1.47 9.32
N ALA B 152 16.90 -1.39 9.96
CA ALA B 152 17.04 -0.79 11.28
C ALA B 152 18.19 0.20 11.28
N TRP B 153 18.03 1.27 12.03
CA TRP B 153 19.01 2.34 12.13
C TRP B 153 19.57 2.41 13.54
N LYS B 154 20.85 2.75 13.64
CA LYS B 154 21.49 3.02 14.91
C LYS B 154 22.33 4.28 14.78
N ALA B 155 22.40 5.03 15.87
CA ALA B 155 23.28 6.19 15.99
C ALA B 155 24.17 5.91 17.18
N ASP B 156 25.49 5.85 16.94
CA ASP B 156 26.45 5.42 17.95
C ASP B 156 25.97 4.13 18.63
N GLY B 157 25.47 3.21 17.82
CA GLY B 157 25.08 1.90 18.29
C GLY B 157 23.74 1.83 18.97
N SER B 158 23.04 2.98 19.18
CA SER B 158 21.75 2.99 19.87
C SER B 158 20.63 2.96 18.84
N PRO B 159 19.63 2.10 19.03
CA PRO B 159 18.53 2.02 18.05
C PRO B 159 17.78 3.34 17.92
N VAL B 160 17.50 3.71 16.68
CA VAL B 160 16.85 4.98 16.34
C VAL B 160 15.53 4.69 15.65
N LYS B 161 14.46 5.32 16.11
CA LYS B 161 13.19 5.33 15.39
C LYS B 161 12.70 6.73 15.04
N VAL B 162 13.02 7.74 15.86
CA VAL B 162 12.60 9.10 15.53
C VAL B 162 13.36 9.56 14.30
N GLY B 163 12.63 10.11 13.33
CA GLY B 163 13.21 10.61 12.10
C GLY B 163 13.31 9.59 10.99
N VAL B 164 12.81 8.37 11.19
CA VAL B 164 12.98 7.28 10.24
C VAL B 164 11.70 7.12 9.44
N GLU B 165 11.85 7.00 8.12
CA GLU B 165 10.77 6.60 7.23
C GLU B 165 11.30 5.56 6.27
N THR B 166 10.51 4.52 6.03
CA THR B 166 10.96 3.39 5.23
C THR B 166 9.86 2.99 4.26
N THR B 167 10.23 2.69 3.02
CA THR B 167 9.26 2.19 2.05
C THR B 167 9.13 0.67 2.16
N LYS B 168 7.93 0.17 1.86
CA LYS B 168 7.73 -1.25 1.70
C LYS B 168 8.40 -1.70 0.40
N PRO B 169 8.88 -2.95 0.35
CA PRO B 169 9.63 -3.40 -0.82
C PRO B 169 8.86 -3.23 -2.12
N SER B 170 9.56 -2.70 -3.13
CA SER B 170 9.00 -2.43 -4.45
C SER B 170 9.67 -3.35 -5.45
N LYS B 171 8.89 -3.85 -6.41
CA LYS B 171 9.45 -4.74 -7.43
C LYS B 171 10.32 -3.96 -8.41
N GLN B 172 11.47 -4.53 -8.73
CA GLN B 172 12.42 -3.95 -9.66
C GLN B 172 12.11 -4.38 -11.09
N SER B 173 12.73 -3.68 -12.04
CA SER B 173 12.55 -4.01 -13.45
C SER B 173 13.15 -5.35 -13.84
N ASN B 174 13.94 -5.98 -12.96
CA ASN B 174 14.46 -7.33 -13.20
C ASN B 174 13.79 -8.39 -12.33
N ASN B 175 12.64 -8.08 -11.73
CA ASN B 175 11.79 -8.97 -10.92
C ASN B 175 12.27 -9.21 -9.50
N LYS B 176 13.41 -8.67 -9.08
CA LYS B 176 13.79 -8.70 -7.67
C LYS B 176 13.14 -7.53 -6.94
N TYR B 177 13.45 -7.36 -5.67
CA TYR B 177 12.84 -6.32 -4.85
C TYR B 177 13.88 -5.31 -4.36
N ALA B 178 13.40 -4.11 -4.05
CA ALA B 178 14.22 -3.03 -3.53
C ALA B 178 13.46 -2.34 -2.41
N ALA B 179 14.18 -1.60 -1.57
CA ALA B 179 13.55 -0.83 -0.50
C ALA B 179 14.42 0.35 -0.14
N SER B 180 13.82 1.35 0.49
CA SER B 180 14.55 2.56 0.85
C SER B 180 14.19 2.96 2.28
N SER B 181 15.13 3.62 2.96
CA SER B 181 14.90 4.11 4.30
C SER B 181 15.71 5.38 4.50
N TYR B 182 15.18 6.27 5.33
CA TYR B 182 15.75 7.59 5.55
C TYR B 182 15.82 7.87 7.03
N LEU B 183 16.90 8.51 7.45
CA LEU B 183 17.02 9.08 8.78
C LEU B 183 17.24 10.57 8.59
N SER B 184 16.25 11.37 8.97
N SER B 184 16.24 11.37 8.95
CA SER B 184 16.29 12.81 8.78
CA SER B 184 16.29 12.81 8.78
C SER B 184 16.70 13.48 10.08
C SER B 184 16.72 13.45 10.09
N LEU B 185 17.81 14.23 10.03
CA LEU B 185 18.39 14.86 11.20
C LEU B 185 18.64 16.33 10.89
N THR B 186 18.89 17.09 11.94
CA THR B 186 19.47 18.41 11.78
C THR B 186 20.97 18.27 11.61
N PRO B 187 21.64 19.26 11.03
CA PRO B 187 23.11 19.17 10.92
C PRO B 187 23.79 19.00 12.27
N GLU B 188 23.29 19.67 13.30
CA GLU B 188 23.86 19.52 14.63
C GLU B 188 23.71 18.10 15.15
N GLN B 189 22.54 17.48 14.94
CA GLN B 189 22.36 16.09 15.33
C GLN B 189 23.33 15.19 14.58
N TRP B 190 23.41 15.38 13.26
CA TRP B 190 24.31 14.58 12.42
C TRP B 190 25.74 14.64 12.96
N LYS B 191 26.24 15.84 13.24
CA LYS B 191 27.61 15.98 13.72
C LYS B 191 27.80 15.55 15.17
N SER B 192 26.72 15.27 15.91
CA SER B 192 26.84 14.96 17.33
C SER B 192 27.22 13.51 17.61
N HIS B 193 27.16 12.65 16.61
CA HIS B 193 27.48 11.23 16.77
C HIS B 193 28.69 10.91 15.91
N ARG B 194 29.40 9.85 16.28
CA ARG B 194 30.60 9.47 15.56
C ARG B 194 30.33 8.47 14.44
N SER B 195 29.24 7.71 14.51
CA SER B 195 28.89 6.82 13.42
C SER B 195 27.40 6.54 13.45
N TYR B 196 26.87 6.19 12.27
CA TYR B 196 25.50 5.74 12.10
C TYR B 196 25.52 4.49 11.26
N SER B 197 24.55 3.61 11.48
CA SER B 197 24.50 2.41 10.67
C SER B 197 23.07 2.11 10.26
N CYS B 198 22.93 1.51 9.08
CA CYS B 198 21.68 0.87 8.68
C CYS B 198 21.93 -0.62 8.53
N ARG B 199 21.10 -1.41 9.18
CA ARG B 199 21.21 -2.86 9.18
C ARG B 199 20.03 -3.42 8.41
N VAL B 200 20.31 -4.20 7.37
CA VAL B 200 19.29 -4.79 6.53
C VAL B 200 19.32 -6.29 6.76
N THR B 201 18.19 -6.83 7.20
CA THR B 201 18.07 -8.25 7.49
C THR B 201 17.16 -8.90 6.45
N HIS B 202 17.62 -9.99 5.85
CA HIS B 202 16.89 -10.67 4.80
C HIS B 202 17.12 -12.17 4.96
N GLU B 203 16.06 -12.90 5.30
CA GLU B 203 16.09 -14.37 5.31
C GLU B 203 17.20 -14.90 6.21
N GLY B 204 17.35 -14.30 7.39
CA GLY B 204 18.31 -14.78 8.36
C GLY B 204 19.72 -14.29 8.18
N SER B 205 19.97 -13.44 7.18
CA SER B 205 21.28 -12.84 6.99
C SER B 205 21.14 -11.32 7.06
N THR B 206 22.15 -10.68 7.63
CA THR B 206 22.13 -9.25 7.85
C THR B 206 23.30 -8.59 7.14
N VAL B 207 23.03 -7.46 6.51
CA VAL B 207 24.06 -6.61 5.92
C VAL B 207 23.99 -5.26 6.63
N GLU B 208 25.13 -4.79 7.11
CA GLU B 208 25.19 -3.53 7.83
C GLU B 208 26.20 -2.60 7.16
N LYS B 209 25.77 -1.37 6.88
CA LYS B 209 26.66 -0.33 6.37
C LYS B 209 26.71 0.80 7.39
N THR B 210 27.86 1.48 7.43
CA THR B 210 28.12 2.52 8.42
C THR B 210 28.62 3.77 7.70
N VAL B 211 28.28 4.95 8.25
CA VAL B 211 28.89 6.21 7.84
C VAL B 211 29.30 6.99 9.09
N ALA B 212 30.33 7.82 8.93
CA ALA B 212 30.85 8.64 10.02
C ALA B 212 30.87 10.10 9.57
N PRO B 213 30.38 11.03 10.39
CA PRO B 213 30.47 12.44 9.99
C PRO B 213 31.90 12.93 9.82
N ALA B 214 32.87 12.33 10.51
CA ALA B 214 34.25 12.79 10.41
C ALA B 214 34.98 12.20 9.19
N GLU B 215 34.29 11.50 8.31
CA GLU B 215 34.93 10.86 7.15
C GLU B 215 35.68 11.86 6.28
N ASN C 2 -31.27 -17.80 11.64
CA ASN C 2 -29.91 -17.70 11.12
C ASN C 2 -29.35 -16.31 11.41
N PRO C 3 -28.13 -16.27 11.95
CA PRO C 3 -27.50 -14.97 12.20
C PRO C 3 -27.37 -14.11 10.95
N ASN C 4 -27.25 -14.72 9.76
CA ASN C 4 -27.05 -13.94 8.55
C ASN C 4 -28.31 -13.23 8.06
N ALA C 5 -29.44 -13.40 8.74
CA ALA C 5 -30.63 -12.59 8.49
C ALA C 5 -30.68 -11.33 9.35
N ASN C 6 -29.67 -11.10 10.18
CA ASN C 6 -29.58 -9.90 11.01
C ASN C 6 -29.47 -8.67 10.13
N PRO C 7 -30.40 -7.72 10.21
CA PRO C 7 -30.34 -6.55 9.31
C PRO C 7 -29.13 -5.66 9.51
N ASN C 8 -28.48 -5.70 10.69
CA ASN C 8 -27.24 -4.94 10.86
C ASN C 8 -26.10 -5.53 10.05
N ALA C 9 -26.14 -6.84 9.84
CA ALA C 9 -25.11 -7.53 9.06
C ALA C 9 -25.46 -7.58 7.59
N ASN C 10 -26.74 -7.68 7.28
CA ASN C 10 -27.18 -8.09 5.94
C ASN C 10 -28.12 -7.03 5.41
N PRO C 11 -27.66 -6.12 4.54
CA PRO C 11 -28.56 -5.09 4.00
C PRO C 11 -29.65 -5.62 3.09
N ASN C 12 -29.59 -6.89 2.68
CA ASN C 12 -30.65 -7.46 1.88
C ASN C 12 -31.80 -8.02 2.73
N ALA C 13 -31.61 -8.12 4.04
CA ALA C 13 -32.59 -8.75 4.90
C ALA C 13 -33.73 -7.79 5.23
#